data_8Z67
#
_entry.id   8Z67
#
_entity_poly.entity_id   1
_entity_poly.type   'polypeptide(L)'
_entity_poly.pdbx_seq_one_letter_code
;MGNHTWEGCHVDSRVDHLFPPSLYIFVIGVGLPTNCLALWAAYRQVQQRNELGVYLMNLSIADLLYICTLPLWVDYFLHH
DNWIHGPGSCKLFGFIFYTNIYISIAFLCCISVDRYLAVAHPLRFARLRRVKTAVAVSSVVWATELGANSAPLFHDELFR
DRYNHTFCFEKFPMEGWVAWMNLYRVFVGFLFPWALMLLSYRGILRAVRGSVSTERQEKAKIKRLALSLIAIVLVCFAPY
HVLLLSRSAIYLGRPWDCGFEERVFSAYHSSLAFTSLNCVADPILYCLVNEGARSDVAKALHNLLRFLASDKPQEMANAS
LTLETPLTSKRNSTAKAMTGSWAATPPSQGDQVQLKMLPPAQ
;
_entity_poly.pdbx_strand_id   R
#
# COMPACT_ATOMS: atom_id res chain seq x y z
N GLY A 8 22.50 15.59 11.59
CA GLY A 8 22.57 17.03 11.48
C GLY A 8 21.74 17.62 10.36
N CYS A 9 20.46 17.67 10.57
CA CYS A 9 19.57 18.22 9.61
C CYS A 9 18.33 18.70 10.39
N HIS A 10 17.60 19.64 9.84
CA HIS A 10 16.46 20.13 10.54
C HIS A 10 15.25 19.40 10.13
N VAL A 11 14.21 19.82 10.77
CA VAL A 11 12.92 19.32 10.48
C VAL A 11 12.05 20.28 11.21
N ASP A 12 11.02 20.80 10.57
CA ASP A 12 10.20 21.65 11.33
C ASP A 12 9.03 21.49 10.59
N SER A 13 8.43 20.35 10.79
CA SER A 13 7.27 20.15 10.08
C SER A 13 6.22 20.58 11.07
N ARG A 14 5.82 21.85 10.90
CA ARG A 14 4.84 22.52 11.72
C ARG A 14 3.44 22.04 11.52
N VAL A 15 3.30 21.18 10.55
CA VAL A 15 2.09 20.53 10.27
C VAL A 15 2.41 19.07 10.17
N ASP A 16 3.37 18.62 10.96
CA ASP A 16 3.69 17.21 11.06
C ASP A 16 3.12 16.66 12.30
N HIS A 17 2.32 17.44 13.03
CA HIS A 17 1.62 17.03 14.24
C HIS A 17 0.10 17.22 14.11
N LEU A 18 -0.39 17.73 13.00
CA LEU A 18 -1.82 17.88 12.82
C LEU A 18 -2.39 17.02 11.73
N PHE A 19 -1.78 16.99 10.59
CA PHE A 19 -2.36 16.25 9.47
C PHE A 19 -2.11 14.75 9.57
N PRO A 20 -0.88 14.27 9.80
CA PRO A 20 -0.67 12.83 9.89
C PRO A 20 -1.48 12.17 10.99
N PRO A 21 -1.52 12.72 12.22
CA PRO A 21 -2.30 12.03 13.26
C PRO A 21 -3.80 12.03 13.00
N SER A 22 -4.37 13.15 12.55
CA SER A 22 -5.80 13.18 12.27
C SER A 22 -6.15 12.25 11.10
N LEU A 23 -5.33 12.27 10.05
CA LEU A 23 -5.57 11.37 8.93
C LEU A 23 -5.46 9.91 9.36
N TYR A 24 -4.48 9.59 10.21
CA TYR A 24 -4.34 8.21 10.68
C TYR A 24 -5.50 7.81 11.57
N ILE A 25 -6.03 8.74 12.38
CA ILE A 25 -7.20 8.44 13.20
C ILE A 25 -8.39 8.12 12.32
N PHE A 26 -8.63 8.94 11.29
CA PHE A 26 -9.71 8.67 10.35
C PHE A 26 -9.49 7.34 9.64
N VAL A 27 -8.25 7.06 9.25
CA VAL A 27 -7.93 5.81 8.56
C VAL A 27 -8.24 4.61 9.45
N ILE A 28 -7.81 4.66 10.71
CA ILE A 28 -8.10 3.57 11.63
C ILE A 28 -9.60 3.39 11.77
N GLY A 29 -10.31 4.48 12.07
CA GLY A 29 -11.73 4.40 12.38
C GLY A 29 -12.57 3.89 11.23
N VAL A 30 -12.23 4.27 10.01
CA VAL A 30 -13.02 3.81 8.86
C VAL A 30 -12.51 2.48 8.33
N GLY A 31 -11.19 2.28 8.26
CA GLY A 31 -10.65 1.07 7.70
C GLY A 31 -10.95 -0.17 8.52
N LEU A 32 -10.81 -0.10 9.85
CA LEU A 32 -10.98 -1.30 10.66
C LEU A 32 -12.30 -2.00 10.39
N PRO A 33 -13.46 -1.33 10.43
CA PRO A 33 -14.70 -2.04 10.06
C PRO A 33 -14.75 -2.43 8.60
N THR A 34 -14.38 -1.51 7.70
CA THR A 34 -14.43 -1.82 6.27
C THR A 34 -13.45 -2.93 5.92
N ASN A 35 -12.26 -2.92 6.53
CA ASN A 35 -11.29 -3.96 6.22
C ASN A 35 -11.72 -5.30 6.81
N CYS A 36 -12.32 -5.30 8.00
CA CYS A 36 -12.84 -6.55 8.54
C CYS A 36 -13.95 -7.12 7.66
N LEU A 37 -14.85 -6.25 7.18
CA LEU A 37 -15.91 -6.71 6.30
C LEU A 37 -15.36 -7.19 4.97
N ALA A 38 -14.34 -6.51 4.44
CA ALA A 38 -13.70 -6.96 3.20
C ALA A 38 -13.03 -8.31 3.39
N LEU A 39 -12.40 -8.53 4.55
CA LEU A 39 -11.78 -9.81 4.84
C LEU A 39 -12.83 -10.92 4.91
N TRP A 40 -13.98 -10.63 5.52
CA TRP A 40 -15.06 -11.61 5.57
C TRP A 40 -15.60 -11.91 4.17
N ALA A 41 -15.76 -10.87 3.35
CA ALA A 41 -16.24 -11.07 1.99
C ALA A 41 -15.25 -11.90 1.17
N ALA A 42 -13.95 -11.64 1.35
CA ALA A 42 -12.94 -12.45 0.66
C ALA A 42 -12.96 -13.89 1.16
N TYR A 43 -13.22 -14.09 2.45
CA TYR A 43 -13.40 -15.44 2.97
C TYR A 43 -14.58 -16.12 2.29
N ARG A 44 -15.68 -15.39 2.10
CA ARG A 44 -16.81 -15.94 1.37
C ARG A 44 -16.41 -16.31 -0.05
N GLN A 45 -15.64 -15.46 -0.71
CA GLN A 45 -15.21 -15.74 -2.08
C GLN A 45 -14.35 -16.99 -2.14
N VAL A 46 -13.42 -17.14 -1.20
CA VAL A 46 -12.60 -18.35 -1.14
C VAL A 46 -13.47 -19.57 -0.88
N GLN A 47 -14.51 -19.40 -0.06
CA GLN A 47 -15.44 -20.51 0.19
C GLN A 47 -16.12 -20.97 -1.09
N GLN A 48 -16.41 -20.04 -2.00
CA GLN A 48 -17.02 -20.36 -3.28
C GLN A 48 -16.01 -20.76 -4.34
N ARG A 49 -14.81 -21.20 -3.91
CA ARG A 49 -13.76 -21.67 -4.82
C ARG A 49 -13.31 -20.58 -5.79
N ASN A 50 -13.37 -19.33 -5.36
CA ASN A 50 -12.88 -18.21 -6.16
C ASN A 50 -11.50 -17.81 -5.65
N GLU A 51 -10.50 -17.87 -6.55
CA GLU A 51 -9.15 -17.50 -6.16
C GLU A 51 -9.01 -16.01 -5.90
N LEU A 52 -9.86 -15.18 -6.51
CA LEU A 52 -9.77 -13.75 -6.29
C LEU A 52 -9.98 -13.41 -4.82
N GLY A 53 -10.69 -14.26 -4.09
CA GLY A 53 -10.84 -14.05 -2.67
C GLY A 53 -9.55 -14.24 -1.90
N VAL A 54 -8.62 -15.02 -2.45
CA VAL A 54 -7.33 -15.22 -1.79
C VAL A 54 -6.51 -13.93 -1.80
N TYR A 55 -6.41 -13.30 -2.98
CA TYR A 55 -5.64 -12.06 -3.08
C TYR A 55 -6.30 -10.93 -2.32
N LEU A 56 -7.62 -10.82 -2.39
CA LEU A 56 -8.33 -9.82 -1.60
C LEU A 56 -8.17 -10.08 -0.11
N MET A 57 -8.19 -11.35 0.29
CA MET A 57 -7.99 -11.70 1.70
C MET A 57 -6.60 -11.31 2.17
N ASN A 58 -5.58 -11.55 1.35
CA ASN A 58 -4.22 -11.16 1.73
C ASN A 58 -4.06 -9.65 1.76
N LEU A 59 -4.67 -8.95 0.82
CA LEU A 59 -4.65 -7.49 0.82
C LEU A 59 -5.32 -6.95 2.09
N SER A 60 -6.45 -7.54 2.48
CA SER A 60 -7.12 -7.13 3.71
C SER A 60 -6.28 -7.43 4.93
N ILE A 61 -5.56 -8.56 4.93
CA ILE A 61 -4.69 -8.88 6.05
C ILE A 61 -3.58 -7.86 6.18
N ALA A 62 -2.96 -7.50 5.05
CA ALA A 62 -1.91 -6.48 5.07
C ALA A 62 -2.45 -5.13 5.54
N ASP A 63 -3.63 -4.75 5.07
CA ASP A 63 -4.22 -3.49 5.49
C ASP A 63 -4.55 -3.51 6.98
N LEU A 64 -5.03 -4.65 7.49
CA LEU A 64 -5.33 -4.77 8.91
C LEU A 64 -4.07 -4.64 9.74
N LEU A 65 -2.96 -5.25 9.30
CA LEU A 65 -1.70 -5.07 10.02
C LEU A 65 -1.21 -3.63 9.98
N TYR A 66 -1.38 -2.96 8.84
CA TYR A 66 -1.04 -1.55 8.74
C TYR A 66 -1.85 -0.71 9.71
N ILE A 67 -3.16 -0.96 9.79
CA ILE A 67 -4.01 -0.20 10.70
C ILE A 67 -3.66 -0.53 12.14
N CYS A 68 -3.28 -1.78 12.42
CA CYS A 68 -2.89 -2.16 13.77
C CYS A 68 -1.61 -1.43 14.20
N THR A 69 -0.65 -1.29 13.30
CA THR A 69 0.57 -0.57 13.65
C THR A 69 0.41 0.94 13.58
N LEU A 70 -0.68 1.43 12.99
CA LEU A 70 -0.87 2.87 12.83
C LEU A 70 -0.92 3.66 14.14
N PRO A 71 -1.66 3.24 15.18
CA PRO A 71 -1.77 4.10 16.37
C PRO A 71 -0.44 4.44 17.03
N LEU A 72 0.54 3.54 16.99
CA LEU A 72 1.84 3.88 17.53
C LEU A 72 2.49 5.00 16.72
N TRP A 73 2.30 5.00 15.40
CA TRP A 73 2.80 6.10 14.59
C TRP A 73 2.02 7.38 14.82
N VAL A 74 0.74 7.27 15.20
CA VAL A 74 -0.01 8.46 15.62
C VAL A 74 0.60 9.05 16.88
N ASP A 75 1.05 8.20 17.80
CA ASP A 75 1.66 8.74 19.02
C ASP A 75 3.01 9.27 18.76
N TYR A 76 3.68 8.67 17.86
CA TYR A 76 4.98 9.21 17.48
C TYR A 76 4.85 10.58 16.81
N PHE A 77 3.86 10.74 15.95
CA PHE A 77 3.70 12.02 15.26
C PHE A 77 3.15 13.10 16.17
N LEU A 78 2.36 12.72 17.18
CA LEU A 78 1.80 13.70 18.09
C LEU A 78 2.83 14.28 19.04
N HIS A 79 3.99 13.61 19.12
CA HIS A 79 5.05 14.12 19.96
C HIS A 79 6.09 14.74 19.13
N HIS A 80 5.68 15.29 18.00
CA HIS A 80 6.58 15.97 17.11
C HIS A 80 7.78 15.19 16.74
N ASP A 81 7.55 14.04 16.09
CA ASP A 81 8.60 13.11 15.64
C ASP A 81 9.48 12.53 16.78
N ASN A 82 8.84 12.12 17.87
CA ASN A 82 9.51 11.52 18.93
C ASN A 82 8.92 10.25 19.23
N TRP A 83 9.67 9.19 19.00
CA TRP A 83 9.20 7.84 19.27
C TRP A 83 9.94 7.22 20.46
N ILE A 84 9.24 7.08 21.58
CA ILE A 84 9.85 6.55 22.76
C ILE A 84 9.58 5.09 23.36
N HIS A 85 9.15 4.21 22.48
CA HIS A 85 8.54 2.98 22.87
C HIS A 85 9.71 2.18 23.14
N GLY A 86 10.53 2.02 22.14
CA GLY A 86 11.80 1.38 22.38
C GLY A 86 12.66 1.26 21.17
N PRO A 87 13.85 0.68 21.29
CA PRO A 87 14.57 0.44 20.05
C PRO A 87 13.85 -0.62 19.20
N GLY A 88 13.36 -1.61 19.89
CA GLY A 88 12.62 -2.74 19.40
C GLY A 88 11.30 -2.64 18.80
N SER A 89 10.39 -1.84 19.31
CA SER A 89 9.12 -1.72 18.62
C SER A 89 9.31 -0.87 17.43
N CYS A 90 10.21 0.11 17.50
CA CYS A 90 10.55 0.87 16.30
C CYS A 90 10.83 -0.06 15.13
N LYS A 91 11.71 -1.02 15.31
CA LYS A 91 12.12 -1.85 14.18
C LYS A 91 10.93 -2.64 13.62
N LEU A 92 10.22 -3.36 14.48
CA LEU A 92 9.13 -4.20 13.99
C LEU A 92 8.01 -3.37 13.38
N PHE A 93 7.52 -2.37 14.12
CA PHE A 93 6.34 -1.65 13.67
C PHE A 93 6.66 -0.74 12.49
N GLY A 94 7.86 -0.15 12.45
CA GLY A 94 8.27 0.60 11.28
C GLY A 94 8.44 -0.27 10.05
N PHE A 95 8.95 -1.49 10.24
CA PHE A 95 9.06 -2.42 9.12
C PHE A 95 7.69 -2.75 8.56
N ILE A 96 6.73 -3.03 9.45
CA ILE A 96 5.36 -3.28 9.01
C ILE A 96 4.80 -2.06 8.29
N PHE A 97 5.00 -0.88 8.89
CA PHE A 97 4.44 0.36 8.37
C PHE A 97 4.98 0.69 6.98
N TYR A 98 6.27 0.47 6.75
CA TYR A 98 6.89 0.85 5.50
C TYR A 98 6.85 -0.28 4.48
N THR A 99 6.47 -1.50 4.89
CA THR A 99 6.48 -2.63 3.97
C THR A 99 5.08 -3.00 3.49
N ASN A 100 4.05 -2.77 4.29
CA ASN A 100 2.71 -3.16 3.86
C ASN A 100 2.22 -2.35 2.68
N ILE A 101 2.77 -1.16 2.43
CA ILE A 101 2.44 -0.44 1.20
C ILE A 101 2.83 -1.27 -0.01
N TYR A 102 4.04 -1.84 0.02
CA TYR A 102 4.52 -2.62 -1.12
C TYR A 102 3.88 -3.99 -1.17
N ILE A 103 3.56 -4.59 -0.02
CA ILE A 103 2.79 -5.83 -0.05
C ILE A 103 1.41 -5.60 -0.66
N SER A 104 0.76 -4.48 -0.30
CA SER A 104 -0.55 -4.16 -0.86
C SER A 104 -0.46 -3.90 -2.35
N ILE A 105 0.57 -3.19 -2.81
CA ILE A 105 0.68 -2.92 -4.25
C ILE A 105 0.99 -4.21 -5.00
N ALA A 106 1.78 -5.10 -4.41
CA ALA A 106 2.05 -6.39 -5.05
C ALA A 106 0.78 -7.20 -5.18
N PHE A 107 -0.07 -7.21 -4.14
CA PHE A 107 -1.32 -7.96 -4.23
C PHE A 107 -2.33 -7.28 -5.15
N LEU A 108 -2.29 -5.96 -5.26
CA LEU A 108 -3.12 -5.27 -6.24
C LEU A 108 -2.70 -5.66 -7.66
N CYS A 109 -1.39 -5.74 -7.91
CA CYS A 109 -0.91 -6.21 -9.19
C CYS A 109 -1.32 -7.67 -9.44
N CYS A 110 -1.29 -8.50 -8.40
CA CYS A 110 -1.75 -9.87 -8.53
C CYS A 110 -3.23 -9.93 -8.89
N ILE A 111 -4.05 -9.10 -8.25
CA ILE A 111 -5.47 -9.03 -8.59
C ILE A 111 -5.65 -8.59 -10.04
N SER A 112 -4.89 -7.58 -10.47
CA SER A 112 -5.02 -7.08 -11.83
C SER A 112 -4.64 -8.14 -12.86
N VAL A 113 -3.53 -8.85 -12.62
CA VAL A 113 -3.10 -9.88 -13.56
C VAL A 113 -4.07 -11.05 -13.57
N ASP A 114 -4.61 -11.41 -12.41
CA ASP A 114 -5.60 -12.48 -12.34
C ASP A 114 -6.86 -12.10 -13.11
N ARG A 115 -7.33 -10.86 -12.95
CA ARG A 115 -8.49 -10.40 -13.70
C ARG A 115 -8.20 -10.37 -15.20
N TYR A 116 -6.97 -9.97 -15.57
CA TYR A 116 -6.59 -9.97 -16.98
C TYR A 116 -6.61 -11.38 -17.56
N LEU A 117 -6.09 -12.36 -16.81
CA LEU A 117 -6.13 -13.74 -17.28
C LEU A 117 -7.56 -14.25 -17.39
N ALA A 118 -8.42 -13.88 -16.44
CA ALA A 118 -9.78 -14.36 -16.46
C ALA A 118 -10.59 -13.75 -17.60
N VAL A 119 -10.39 -12.47 -17.88
CA VAL A 119 -11.21 -11.73 -18.83
C VAL A 119 -10.58 -11.71 -20.22
N ALA A 120 -9.32 -11.30 -20.32
CA ALA A 120 -8.70 -11.15 -21.64
C ALA A 120 -8.35 -12.50 -22.25
N HIS A 121 -8.03 -13.49 -21.44
CA HIS A 121 -7.66 -14.83 -21.91
C HIS A 121 -8.51 -15.89 -21.23
N PRO A 122 -9.80 -15.92 -21.49
CA PRO A 122 -10.63 -17.01 -20.99
C PRO A 122 -10.38 -18.25 -21.83
N LEU A 123 -10.92 -19.37 -21.36
CA LEU A 123 -10.72 -20.68 -21.98
C LEU A 123 -9.27 -21.13 -21.95
N ARG A 124 -8.41 -20.44 -21.19
CA ARG A 124 -6.99 -20.70 -21.15
C ARG A 124 -6.49 -20.46 -19.73
N PHE A 125 -5.31 -21.01 -19.45
CA PHE A 125 -4.60 -20.78 -18.18
C PHE A 125 -5.46 -21.17 -16.98
N ALA A 126 -6.22 -22.25 -17.11
CA ALA A 126 -7.05 -22.71 -16.00
C ALA A 126 -6.21 -23.16 -14.82
N ARG A 127 -5.00 -23.65 -15.08
CA ARG A 127 -4.11 -24.05 -13.99
C ARG A 127 -3.69 -22.86 -13.15
N LEU A 128 -3.39 -21.72 -13.79
CA LEU A 128 -3.04 -20.52 -13.06
C LEU A 128 -4.24 -19.84 -12.41
N ARG A 129 -5.44 -20.39 -12.58
CA ARG A 129 -6.65 -19.82 -12.03
C ARG A 129 -7.31 -20.73 -11.00
N ARG A 130 -6.51 -21.30 -10.11
CA ARG A 130 -6.99 -22.12 -9.01
C ARG A 130 -6.68 -21.46 -7.67
N VAL A 131 -7.33 -21.97 -6.63
CA VAL A 131 -7.07 -21.47 -5.29
C VAL A 131 -5.68 -21.89 -4.81
N LYS A 132 -5.24 -23.09 -5.20
CA LYS A 132 -3.92 -23.57 -4.79
C LYS A 132 -2.82 -22.69 -5.35
N THR A 133 -2.89 -22.35 -6.63
CA THR A 133 -1.89 -21.48 -7.21
C THR A 133 -2.01 -20.06 -6.67
N ALA A 134 -3.22 -19.62 -6.32
CA ALA A 134 -3.37 -18.33 -5.68
C ALA A 134 -2.67 -18.29 -4.33
N VAL A 135 -2.80 -19.36 -3.55
CA VAL A 135 -2.13 -19.43 -2.25
C VAL A 135 -0.62 -19.49 -2.43
N ALA A 136 -0.15 -20.25 -3.42
CA ALA A 136 1.28 -20.32 -3.68
C ALA A 136 1.84 -18.95 -4.08
N VAL A 137 1.12 -18.24 -4.96
CA VAL A 137 1.56 -16.92 -5.39
C VAL A 137 1.55 -15.94 -4.22
N SER A 138 0.54 -16.04 -3.35
CA SER A 138 0.49 -15.20 -2.17
C SER A 138 1.66 -15.46 -1.24
N SER A 139 1.99 -16.74 -1.01
CA SER A 139 3.13 -17.07 -0.17
C SER A 139 4.43 -16.53 -0.75
N VAL A 140 4.60 -16.69 -2.08
CA VAL A 140 5.80 -16.18 -2.72
C VAL A 140 5.87 -14.66 -2.61
N VAL A 141 4.74 -13.98 -2.78
CA VAL A 141 4.70 -12.53 -2.69
C VAL A 141 5.08 -12.07 -1.28
N TRP A 142 4.50 -12.72 -0.27
CA TRP A 142 4.82 -12.37 1.11
C TRP A 142 6.30 -12.58 1.40
N ALA A 143 6.83 -13.75 1.04
CA ALA A 143 8.23 -14.05 1.33
C ALA A 143 9.17 -13.10 0.59
N THR A 144 8.88 -12.81 -0.67
CA THR A 144 9.73 -11.90 -1.44
C THR A 144 9.68 -10.49 -0.87
N GLU A 145 8.49 -10.01 -0.52
CA GLU A 145 8.37 -8.64 -0.01
C GLU A 145 9.05 -8.49 1.34
N LEU A 146 8.85 -9.44 2.26
CA LEU A 146 9.55 -9.35 3.54
C LEU A 146 11.05 -9.51 3.38
N GLY A 147 11.48 -10.42 2.50
CA GLY A 147 12.91 -10.57 2.26
C GLY A 147 13.53 -9.39 1.55
N ALA A 148 12.84 -8.84 0.55
CA ALA A 148 13.40 -7.71 -0.19
C ALA A 148 13.43 -6.44 0.66
N ASN A 149 12.48 -6.29 1.57
CA ASN A 149 12.40 -5.14 2.45
C ASN A 149 13.03 -5.41 3.82
N SER A 150 13.95 -6.38 3.91
CA SER A 150 14.54 -6.79 5.17
C SER A 150 15.78 -6.02 5.54
N ALA A 151 16.26 -5.12 4.68
CA ALA A 151 17.44 -4.33 5.02
C ALA A 151 17.28 -3.48 6.27
N PRO A 152 16.18 -2.75 6.49
CA PRO A 152 16.05 -1.97 7.73
C PRO A 152 16.04 -2.82 8.99
N LEU A 153 15.67 -4.10 8.90
CA LEU A 153 15.68 -4.96 10.08
C LEU A 153 17.10 -5.21 10.57
N PHE A 154 18.08 -5.25 9.67
CA PHE A 154 19.45 -5.61 10.01
C PHE A 154 20.33 -4.40 10.35
N HIS A 155 19.79 -3.19 10.28
CA HIS A 155 20.55 -1.99 10.62
C HIS A 155 19.91 -1.32 11.84
N ASP A 156 20.45 -0.17 12.22
CA ASP A 156 19.91 0.53 13.34
C ASP A 156 18.62 1.12 12.86
N GLU A 157 17.61 1.09 13.72
CA GLU A 157 16.27 1.53 13.36
C GLU A 157 15.88 2.83 14.04
N LEU A 158 16.61 3.25 15.07
CA LEU A 158 16.27 4.42 15.87
C LEU A 158 17.46 5.35 15.91
N PHE A 159 17.24 6.61 15.54
CA PHE A 159 18.30 7.62 15.54
C PHE A 159 17.79 8.88 16.23
N ARG A 160 18.54 9.34 17.22
CA ARG A 160 18.24 10.60 17.89
C ARG A 160 19.20 11.68 17.37
N ASP A 161 18.62 12.77 16.88
CA ASP A 161 19.42 13.84 16.30
C ASP A 161 19.91 14.79 17.39
N ARG A 162 20.61 15.84 16.98
CA ARG A 162 21.12 16.82 17.94
C ARG A 162 19.96 17.52 18.66
N TYR A 163 18.82 17.64 18.00
CA TYR A 163 17.67 18.31 18.57
C TYR A 163 16.86 17.31 19.41
N ASN A 164 15.66 17.72 19.82
CA ASN A 164 14.91 16.92 20.80
C ASN A 164 14.32 15.66 20.18
N HIS A 165 13.79 15.76 18.96
CA HIS A 165 13.09 14.67 18.30
C HIS A 165 13.92 13.48 17.91
N THR A 166 13.39 12.29 18.17
CA THR A 166 14.10 11.08 17.78
C THR A 166 13.28 10.35 16.72
N PHE A 167 13.94 9.96 15.63
CA PHE A 167 13.26 9.38 14.49
C PHE A 167 13.06 7.88 14.67
N CYS A 168 12.35 7.27 13.72
CA CYS A 168 12.21 5.83 13.64
C CYS A 168 12.14 5.43 12.17
N PHE A 169 13.17 4.73 11.69
CA PHE A 169 13.47 4.42 10.29
C PHE A 169 13.76 5.60 9.38
N GLU A 170 14.13 6.73 9.90
CA GLU A 170 14.49 7.80 9.07
C GLU A 170 15.64 8.52 9.68
N LYS A 171 16.39 9.25 8.88
CA LYS A 171 17.54 9.93 9.36
C LYS A 171 17.90 10.98 8.36
N PHE A 172 18.34 12.16 8.82
CA PHE A 172 18.59 13.34 8.02
C PHE A 172 19.94 13.91 8.44
N PRO A 173 20.98 13.82 7.60
CA PRO A 173 20.93 13.24 6.25
C PRO A 173 20.79 11.72 6.23
N MET A 174 20.25 11.22 5.13
CA MET A 174 19.93 9.80 4.97
C MET A 174 21.21 9.04 4.62
N GLU A 175 21.11 7.73 4.48
CA GLU A 175 22.27 6.87 4.28
C GLU A 175 22.31 6.36 2.85
N GLY A 176 23.50 5.88 2.45
CA GLY A 176 23.66 5.34 1.11
C GLY A 176 22.88 4.05 0.90
N TRP A 177 22.95 3.14 1.89
CA TRP A 177 22.22 1.88 1.77
C TRP A 177 20.72 2.12 1.70
N VAL A 178 20.21 3.05 2.52
CA VAL A 178 18.78 3.36 2.42
C VAL A 178 18.49 4.14 1.15
N ALA A 179 19.50 4.80 0.57
CA ALA A 179 19.29 5.44 -0.73
C ALA A 179 19.06 4.41 -1.83
N TRP A 180 19.91 3.39 -1.88
CA TRP A 180 19.70 2.34 -2.88
C TRP A 180 18.43 1.54 -2.58
N MET A 181 18.12 1.36 -1.30
CA MET A 181 16.86 0.73 -0.93
C MET A 181 15.67 1.54 -1.43
N ASN A 182 15.72 2.86 -1.30
CA ASN A 182 14.62 3.70 -1.78
C ASN A 182 14.52 3.68 -3.30
N LEU A 183 15.67 3.63 -3.99
CA LEU A 183 15.63 3.47 -5.44
C LEU A 183 14.94 2.17 -5.83
N TYR A 184 15.26 1.08 -5.12
CA TYR A 184 14.60 -0.19 -5.39
C TYR A 184 13.10 -0.10 -5.11
N ARG A 185 12.72 0.54 -4.00
CA ARG A 185 11.31 0.66 -3.64
C ARG A 185 10.54 1.48 -4.67
N VAL A 186 11.13 2.56 -5.17
CA VAL A 186 10.45 3.40 -6.15
C VAL A 186 10.33 2.68 -7.48
N PHE A 187 11.42 2.04 -7.93
CA PHE A 187 11.45 1.53 -9.29
C PHE A 187 10.98 0.10 -9.40
N VAL A 188 11.22 -0.74 -8.39
CA VAL A 188 10.75 -2.11 -8.40
C VAL A 188 9.58 -2.31 -7.45
N GLY A 189 9.61 -1.67 -6.29
CA GLY A 189 8.54 -1.83 -5.33
C GLY A 189 7.22 -1.23 -5.78
N PHE A 190 7.26 -0.05 -6.41
CA PHE A 190 6.05 0.66 -6.76
C PHE A 190 5.85 0.81 -8.27
N LEU A 191 6.85 1.32 -8.99
CA LEU A 191 6.65 1.63 -10.40
C LEU A 191 6.40 0.37 -11.23
N PHE A 192 7.14 -0.70 -10.96
CA PHE A 192 6.95 -1.94 -11.70
C PHE A 192 5.58 -2.57 -11.48
N PRO A 193 5.11 -2.79 -10.24
CA PRO A 193 3.74 -3.32 -10.08
C PRO A 193 2.68 -2.40 -10.63
N TRP A 194 2.87 -1.08 -10.54
CA TRP A 194 1.90 -0.16 -11.10
C TRP A 194 1.85 -0.26 -12.62
N ALA A 195 3.02 -0.42 -13.26
CA ALA A 195 3.05 -0.63 -14.70
C ALA A 195 2.34 -1.92 -15.09
N LEU A 196 2.54 -2.99 -14.31
CA LEU A 196 1.82 -4.23 -14.58
C LEU A 196 0.31 -4.05 -14.40
N MET A 197 -0.11 -3.32 -13.37
CA MET A 197 -1.54 -3.03 -13.20
C MET A 197 -2.09 -2.26 -14.39
N LEU A 198 -1.36 -1.25 -14.85
CA LEU A 198 -1.82 -0.45 -15.98
C LEU A 198 -1.95 -1.29 -17.24
N LEU A 199 -0.94 -2.13 -17.51
CA LEU A 199 -0.99 -2.99 -18.69
C LEU A 199 -2.12 -4.01 -18.59
N SER A 200 -2.32 -4.60 -17.42
CA SER A 200 -3.37 -5.60 -17.25
C SER A 200 -4.75 -4.98 -17.40
N TYR A 201 -4.96 -3.78 -16.84
CA TYR A 201 -6.27 -3.16 -16.97
C TYR A 201 -6.50 -2.61 -18.37
N ARG A 202 -5.44 -2.20 -19.06
CA ARG A 202 -5.56 -1.86 -20.48
C ARG A 202 -5.98 -3.07 -21.29
N GLY A 203 -5.38 -4.23 -21.01
CA GLY A 203 -5.78 -5.45 -21.70
C GLY A 203 -7.22 -5.85 -21.38
N ILE A 204 -7.62 -5.70 -20.11
CA ILE A 204 -9.00 -6.00 -19.73
C ILE A 204 -9.96 -5.08 -20.48
N LEU A 205 -9.63 -3.80 -20.56
CA LEU A 205 -10.51 -2.85 -21.25
C LEU A 205 -10.60 -3.17 -22.74
N ARG A 206 -9.47 -3.54 -23.35
CA ARG A 206 -9.49 -3.94 -24.76
C ARG A 206 -10.36 -5.17 -24.97
N ALA A 207 -10.22 -6.17 -24.09
CA ALA A 207 -11.03 -7.39 -24.21
C ALA A 207 -12.50 -7.09 -24.02
N VAL A 208 -12.83 -6.24 -23.05
CA VAL A 208 -14.23 -5.89 -22.81
C VAL A 208 -14.81 -5.15 -24.00
N ARG A 209 -14.06 -4.20 -24.57
CA ARG A 209 -14.50 -3.53 -25.78
C ARG A 209 -14.65 -4.51 -26.94
N GLY A 210 -13.93 -5.62 -26.90
CA GLY A 210 -14.07 -6.66 -27.89
C GLY A 210 -15.23 -7.60 -27.66
N SER A 211 -16.03 -7.39 -26.62
CA SER A 211 -17.15 -8.26 -26.30
C SER A 211 -18.47 -7.65 -26.78
N VAL A 212 -19.46 -8.52 -26.98
CA VAL A 212 -20.76 -8.09 -27.46
C VAL A 212 -21.87 -8.29 -26.44
N SER A 213 -21.69 -9.18 -25.46
CA SER A 213 -22.76 -9.44 -24.51
C SER A 213 -23.01 -8.24 -23.61
N THR A 214 -21.96 -7.57 -23.17
CA THR A 214 -22.10 -6.43 -22.27
C THR A 214 -22.52 -5.19 -23.06
N GLU A 215 -23.47 -4.44 -22.50
CA GLU A 215 -23.96 -3.22 -23.14
C GLU A 215 -22.93 -2.09 -22.99
N ARG A 216 -23.24 -0.95 -23.59
CA ARG A 216 -22.32 0.19 -23.53
C ARG A 216 -22.20 0.73 -22.11
N GLN A 217 -23.30 0.74 -21.37
CA GLN A 217 -23.27 1.25 -20.00
C GLN A 217 -22.36 0.41 -19.12
N GLU A 218 -22.42 -0.91 -19.26
CA GLU A 218 -21.55 -1.78 -18.48
C GLU A 218 -20.09 -1.59 -18.85
N LYS A 219 -19.80 -1.41 -20.14
CA LYS A 219 -18.43 -1.16 -20.56
C LYS A 219 -17.91 0.15 -19.98
N ALA A 220 -18.75 1.19 -19.99
CA ALA A 220 -18.35 2.47 -19.40
C ALA A 220 -18.12 2.33 -17.90
N LYS A 221 -18.97 1.58 -17.22
CA LYS A 221 -18.79 1.35 -15.79
C LYS A 221 -17.49 0.62 -15.50
N ILE A 222 -17.18 -0.40 -16.29
CA ILE A 222 -15.94 -1.15 -16.11
C ILE A 222 -14.73 -0.24 -16.35
N LYS A 223 -14.79 0.58 -17.40
CA LYS A 223 -13.69 1.49 -17.67
C LYS A 223 -13.50 2.50 -16.54
N ARG A 224 -14.60 3.05 -16.03
CA ARG A 224 -14.49 3.98 -14.91
C ARG A 224 -13.92 3.31 -13.67
N LEU A 225 -14.34 2.07 -13.39
CA LEU A 225 -13.81 1.37 -12.22
C LEU A 225 -12.32 1.09 -12.36
N ALA A 226 -11.88 0.65 -13.55
CA ALA A 226 -10.46 0.38 -13.76
C ALA A 226 -9.62 1.64 -13.67
N LEU A 227 -10.07 2.72 -14.32
CA LEU A 227 -9.37 3.99 -14.23
C LEU A 227 -9.35 4.50 -12.80
N SER A 228 -10.42 4.27 -12.05
CA SER A 228 -10.46 4.68 -10.65
C SER A 228 -9.43 3.90 -9.83
N LEU A 229 -9.34 2.59 -10.04
CA LEU A 229 -8.33 1.80 -9.33
C LEU A 229 -6.94 2.32 -9.61
N ILE A 230 -6.61 2.49 -10.90
CA ILE A 230 -5.28 2.94 -11.28
C ILE A 230 -5.01 4.33 -10.71
N ALA A 231 -5.98 5.23 -10.82
CA ALA A 231 -5.78 6.62 -10.39
C ALA A 231 -5.66 6.72 -8.88
N ILE A 232 -6.44 5.94 -8.13
CA ILE A 232 -6.31 5.97 -6.67
C ILE A 232 -4.94 5.45 -6.26
N VAL A 233 -4.48 4.35 -6.87
CA VAL A 233 -3.16 3.84 -6.54
C VAL A 233 -2.10 4.91 -6.82
N LEU A 234 -2.16 5.53 -8.00
CA LEU A 234 -1.16 6.51 -8.37
C LEU A 234 -1.22 7.74 -7.48
N VAL A 235 -2.42 8.25 -7.21
CA VAL A 235 -2.56 9.46 -6.40
C VAL A 235 -2.08 9.20 -4.98
N CYS A 236 -2.43 8.04 -4.41
CA CYS A 236 -2.01 7.72 -3.06
C CYS A 236 -0.50 7.55 -2.96
N PHE A 237 0.11 6.85 -3.93
CA PHE A 237 1.50 6.43 -3.78
C PHE A 237 2.50 7.30 -4.54
N ALA A 238 2.04 8.30 -5.29
CA ALA A 238 2.93 9.07 -6.15
C ALA A 238 3.69 10.19 -5.42
N PRO A 239 3.05 11.04 -4.60
CA PRO A 239 3.82 12.11 -3.95
C PRO A 239 4.93 11.58 -3.07
N TYR A 240 4.66 10.55 -2.27
CA TYR A 240 5.68 10.00 -1.39
C TYR A 240 6.84 9.42 -2.18
N HIS A 241 6.53 8.69 -3.25
CA HIS A 241 7.60 8.05 -4.02
C HIS A 241 8.39 9.06 -4.84
N VAL A 242 7.74 10.11 -5.33
CA VAL A 242 8.45 11.16 -6.04
C VAL A 242 9.40 11.89 -5.09
N LEU A 243 8.92 12.23 -3.90
CA LEU A 243 9.80 12.86 -2.91
C LEU A 243 10.91 11.92 -2.47
N LEU A 244 10.62 10.63 -2.35
CA LEU A 244 11.64 9.65 -1.99
C LEU A 244 12.72 9.56 -3.04
N LEU A 245 12.33 9.50 -4.32
CA LEU A 245 13.29 9.46 -5.40
C LEU A 245 14.11 10.73 -5.46
N SER A 246 13.47 11.88 -5.21
CA SER A 246 14.22 13.14 -5.18
C SER A 246 15.25 13.13 -4.05
N ARG A 247 14.84 12.71 -2.86
CA ARG A 247 15.77 12.68 -1.74
C ARG A 247 16.95 11.76 -2.03
N SER A 248 16.67 10.59 -2.61
CA SER A 248 17.74 9.67 -2.98
C SER A 248 18.66 10.29 -4.03
N ALA A 249 18.09 10.99 -5.01
CA ALA A 249 18.90 11.56 -6.08
C ALA A 249 19.85 12.63 -5.55
N ILE A 250 19.32 13.59 -4.78
CA ILE A 250 20.22 14.61 -4.21
C ILE A 250 21.21 14.01 -3.22
N TYR A 251 20.82 12.99 -2.44
CA TYR A 251 21.79 12.39 -1.54
C TYR A 251 22.91 11.71 -2.30
N LEU A 252 22.63 11.02 -3.38
CA LEU A 252 23.71 10.41 -4.13
C LEU A 252 24.54 11.52 -4.76
N GLY A 253 23.92 12.55 -5.32
CA GLY A 253 24.60 13.69 -5.94
C GLY A 253 25.56 14.61 -5.10
N ARG A 254 24.99 15.25 -4.09
CA ARG A 254 25.85 15.79 -3.07
C ARG A 254 25.26 15.47 -1.68
N PRO A 255 25.92 14.66 -0.86
CA PRO A 255 25.37 14.32 0.43
C PRO A 255 25.26 15.48 1.34
N TRP A 256 26.31 16.26 1.37
CA TRP A 256 26.48 17.38 2.28
C TRP A 256 25.84 18.69 1.87
N ASP A 257 24.61 18.64 1.44
CA ASP A 257 23.97 19.86 1.10
C ASP A 257 22.54 19.64 1.47
N CYS A 258 22.30 19.39 2.76
CA CYS A 258 20.95 19.16 3.26
C CYS A 258 20.24 20.51 3.39
N GLY A 259 19.71 20.99 2.28
CA GLY A 259 19.05 22.25 2.23
C GLY A 259 17.86 21.71 1.56
N PHE A 260 18.02 20.51 1.01
CA PHE A 260 16.81 19.97 0.40
C PHE A 260 16.04 19.13 1.40
N GLU A 261 16.75 18.49 2.33
CA GLU A 261 16.08 17.73 3.38
C GLU A 261 15.21 18.64 4.25
N GLU A 262 15.73 19.83 4.59
CA GLU A 262 14.94 20.79 5.35
C GLU A 262 13.86 21.44 4.49
N ARG A 263 14.06 21.49 3.17
CA ARG A 263 13.10 22.17 2.31
C ARG A 263 11.83 21.35 2.09
N VAL A 264 11.92 20.03 2.07
CA VAL A 264 10.76 19.20 1.75
C VAL A 264 10.45 18.21 2.87
N PHE A 265 10.91 18.51 4.08
CA PHE A 265 10.67 17.61 5.21
C PHE A 265 9.19 17.52 5.54
N SER A 266 8.49 18.66 5.54
CA SER A 266 7.06 18.65 5.86
C SER A 266 6.25 17.97 4.75
N ALA A 267 6.57 18.27 3.49
CA ALA A 267 5.89 17.61 2.38
C ALA A 267 6.16 16.12 2.37
N TYR A 268 7.36 15.70 2.80
CA TYR A 268 7.69 14.29 2.84
C TYR A 268 6.79 13.54 3.81
N HIS A 269 6.66 14.05 5.04
CA HIS A 269 5.83 13.37 6.03
C HIS A 269 4.35 13.49 5.68
N SER A 270 3.93 14.61 5.08
CA SER A 270 2.55 14.72 4.64
C SER A 270 2.22 13.69 3.57
N SER A 271 3.13 13.48 2.61
CA SER A 271 2.92 12.46 1.59
C SER A 271 2.93 11.06 2.19
N LEU A 272 3.82 10.82 3.16
CA LEU A 272 3.85 9.53 3.85
C LEU A 272 2.53 9.25 4.55
N ALA A 273 1.95 10.28 5.19
CA ALA A 273 0.64 10.12 5.82
C ALA A 273 -0.44 9.90 4.78
N PHE A 274 -0.35 10.60 3.65
CA PHE A 274 -1.37 10.49 2.61
C PHE A 274 -1.38 9.10 1.98
N THR A 275 -0.21 8.43 1.94
CA THR A 275 -0.16 7.08 1.40
C THR A 275 -1.02 6.09 2.18
N SER A 276 -1.36 6.40 3.43
CA SER A 276 -2.15 5.50 4.25
C SER A 276 -3.60 5.40 3.80
N LEU A 277 -4.06 6.28 2.91
CA LEU A 277 -5.43 6.23 2.45
C LEU A 277 -5.71 5.06 1.51
N ASN A 278 -4.67 4.36 1.07
CA ASN A 278 -4.88 3.20 0.21
C ASN A 278 -5.54 2.06 0.96
N CYS A 279 -5.22 1.90 2.25
CA CYS A 279 -5.85 0.85 3.04
C CYS A 279 -7.28 1.20 3.42
N VAL A 280 -7.73 2.42 3.16
CA VAL A 280 -9.14 2.77 3.26
C VAL A 280 -9.83 2.61 1.91
N ALA A 281 -9.14 2.99 0.83
CA ALA A 281 -9.72 2.87 -0.51
C ALA A 281 -9.90 1.42 -0.94
N ASP A 282 -8.98 0.54 -0.54
CA ASP A 282 -9.04 -0.85 -0.98
C ASP A 282 -10.32 -1.57 -0.56
N PRO A 283 -10.77 -1.52 0.70
CA PRO A 283 -12.07 -2.15 1.01
C PRO A 283 -13.22 -1.53 0.24
N ILE A 284 -13.18 -0.23 -0.01
CA ILE A 284 -14.23 0.41 -0.79
C ILE A 284 -14.16 -0.03 -2.25
N LEU A 285 -12.97 0.03 -2.84
CA LEU A 285 -12.83 -0.19 -4.27
C LEU A 285 -12.88 -1.65 -4.67
N TYR A 286 -12.71 -2.57 -3.72
CA TYR A 286 -12.72 -3.99 -4.05
C TYR A 286 -13.83 -4.79 -3.37
N CYS A 287 -14.48 -4.24 -2.35
CA CYS A 287 -15.58 -4.93 -1.69
C CYS A 287 -16.89 -4.16 -1.73
N LEU A 288 -16.87 -2.88 -1.39
CA LEU A 288 -18.11 -2.15 -1.16
C LEU A 288 -18.65 -1.44 -2.39
N VAL A 289 -18.00 -1.56 -3.55
CA VAL A 289 -18.54 -0.94 -4.76
C VAL A 289 -19.38 -1.91 -5.57
N ASN A 290 -19.15 -3.21 -5.46
CA ASN A 290 -19.89 -4.20 -6.21
C ASN A 290 -21.00 -4.81 -5.34
N GLU A 291 -22.04 -5.31 -6.01
CA GLU A 291 -23.25 -5.72 -5.31
C GLU A 291 -23.07 -7.01 -4.54
N GLY A 292 -22.31 -7.97 -5.09
CA GLY A 292 -22.21 -9.27 -4.43
C GLY A 292 -21.52 -9.20 -3.09
N ALA A 293 -20.38 -8.49 -3.03
CA ALA A 293 -19.65 -8.40 -1.77
C ALA A 293 -20.39 -7.56 -0.75
N ARG A 294 -21.06 -6.50 -1.20
CA ARG A 294 -21.87 -5.70 -0.27
C ARG A 294 -23.04 -6.51 0.26
N SER A 295 -23.64 -7.36 -0.57
CA SER A 295 -24.71 -8.22 -0.09
C SER A 295 -24.20 -9.24 0.92
N ASP A 296 -23.02 -9.82 0.67
CA ASP A 296 -22.42 -10.74 1.63
C ASP A 296 -22.13 -10.05 2.95
N VAL A 297 -21.50 -8.89 2.90
CA VAL A 297 -21.24 -8.17 4.07
C VAL A 297 -22.57 -7.90 4.80
N ALA A 298 -23.62 -7.63 4.05
CA ALA A 298 -24.92 -7.39 4.62
C ALA A 298 -25.47 -8.60 5.32
N LYS A 299 -25.34 -9.75 4.74
CA LYS A 299 -25.80 -10.92 5.39
C LYS A 299 -25.02 -11.13 6.65
N ALA A 300 -23.73 -10.96 6.62
CA ALA A 300 -22.91 -11.09 7.78
C ALA A 300 -23.24 -10.10 8.89
N LEU A 301 -23.69 -8.90 8.58
CA LEU A 301 -23.95 -7.98 9.63
C LEU A 301 -25.32 -8.21 10.23
N HIS A 302 -26.34 -8.49 9.41
CA HIS A 302 -27.66 -8.78 9.94
C HIS A 302 -27.66 -10.06 10.76
N ASN A 303 -26.94 -11.08 10.31
CA ASN A 303 -26.81 -12.30 11.12
C ASN A 303 -26.04 -12.02 12.40
N LEU A 304 -25.05 -11.15 12.35
CA LEU A 304 -24.29 -10.77 13.54
C LEU A 304 -25.20 -10.11 14.57
#